data_8CNS
#
_entry.id   8CNS
#
_cell.length_a   97.773
_cell.length_b   102.186
_cell.length_c   58.323
_cell.angle_alpha   90.00
_cell.angle_beta   90.00
_cell.angle_gamma   90.00
#
_symmetry.space_group_name_H-M   'P 21 21 2'
#
loop_
_entity.id
_entity.type
_entity.pdbx_description
1 polymer 'Hybrid cluster protein from Methanothermococcus thermolithotrophicus'
2 non-polymer HYDROXYAMINE
3 non-polymer 'FORMIC ACID'
4 non-polymer 'MAGNESIUM ION'
5 non-polymer 'IRON/SULFUR CLUSTER'
6 non-polymer 'FE4-S3 CLUSTER'
7 non-polymer DI(HYDROXYETHYL)ETHER
8 non-polymer 1,2-ETHANEDIOL
9 non-polymer 1-METHOXY-2-[2-(2-METHOXY-ETHOXY]-ETHANE
10 non-polymer GLYCEROL
11 non-polymer 2-AMINO-2-HYDROXYMETHYL-PROPANE-1,3-DIOL
12 non-polymer 'hybrid cluster'
13 non-polymer 'ACETATE ION'
14 non-polymer (4R)-2-METHYLPENTANE-2,4-DIOL
15 water water
#
_entity_poly.entity_id   1
_entity_poly.type   'polypeptide(L)'
_entity_poly.pdbx_seq_one_letter_code
;MRPSKMFCYQCQETAKNTGCTIIGVCGKKDNVANLQDLLVYTVKGLAVVRENLGYSNDKTDRYIVDALFTTITNVNFDDK
DIIEKIKEGLALREEAASKSTCPGCGGDLPDCATWTADSDDEIIKKANSLEVSVLATENEDVRSLRELLTYGVKGIAAYL
HHAMVLGYDNKDIHKFIRKALVATTDDSLSADELTALVLECGKYAVDTMALLDKANTETYGHPEITEVDIGVRNNPGILI
SGHDLKDLEQLLEQTKGTGVDVYTHSEMLPAHYYPAFKKYDHFVGNYGGSWWRQKEEFEAFNGPIVMTTNCLVPPAESYK
DRIYTTGVVGFPGLKRIPEDENGNKDFSEVIEQAKKCAPPKQLETGKIVGGFAHNQVLALADKVVEAVKSGAIRKFVVMA
G(CSS)DGRHPSREYYTEFAKKLPNDTVILTAGCAKYRYNKLGLGDIGGIPRVLDAGQCNDCYSLAVIALKLKEVFELDD
INDLPIAFNVAWYEQKAVAVLLALLYLGVKDIVLGPTLPAFLSPNVAKVLVEKFGISGITTVDEDIERLINK
;
_entity_poly.pdbx_strand_id   A
#
# COMPACT_ATOMS: atom_id res chain seq x y z
N MET A 1 -24.45 4.47 -21.35
CA MET A 1 -25.11 4.96 -20.10
C MET A 1 -24.62 4.13 -18.91
N ARG A 2 -24.01 4.79 -17.91
CA ARG A 2 -23.58 4.08 -16.69
C ARG A 2 -24.82 3.46 -16.04
N PRO A 3 -24.84 2.16 -15.71
CA PRO A 3 -26.03 1.55 -15.12
C PRO A 3 -26.25 1.98 -13.68
N SER A 4 -25.23 2.52 -13.01
CA SER A 4 -25.35 2.96 -11.63
C SER A 4 -24.63 4.30 -11.48
N LYS A 5 -24.80 4.92 -10.31
CA LYS A 5 -24.17 6.22 -10.08
C LYS A 5 -22.64 6.14 -10.12
N MET A 6 -22.06 5.03 -9.66
CA MET A 6 -20.61 4.78 -9.72
C MET A 6 -20.42 3.27 -9.81
N PHE A 7 -19.17 2.84 -10.08
CA PHE A 7 -18.84 1.43 -9.89
C PHE A 7 -17.38 1.35 -9.49
N CYS A 8 -17.11 0.78 -8.32
CA CYS A 8 -15.74 0.60 -7.86
C CYS A 8 -15.70 -0.71 -7.09
N TYR A 9 -14.71 -1.57 -7.39
CA TYR A 9 -14.60 -2.82 -6.63
C TYR A 9 -13.13 -3.15 -6.32
N GLN A 10 -12.27 -2.12 -6.20
CA GLN A 10 -10.83 -2.32 -6.14
C GLN A 10 -10.28 -2.71 -4.77
N CYS A 11 -11.05 -2.59 -3.69
CA CYS A 11 -10.54 -2.97 -2.38
C CYS A 11 -11.36 -4.09 -1.76
N GLN A 12 -10.79 -4.63 -0.68
CA GLN A 12 -11.36 -5.80 -0.03
C GLN A 12 -12.77 -5.53 0.54
N GLU A 13 -13.06 -4.25 0.90
CA GLU A 13 -14.30 -3.91 1.57
C GLU A 13 -15.39 -3.49 0.57
N THR A 14 -15.21 -3.76 -0.73
CA THR A 14 -16.25 -3.34 -1.66
C THR A 14 -17.59 -3.94 -1.27
N ALA A 15 -18.65 -3.15 -1.47
CA ALA A 15 -19.97 -3.51 -0.92
C ALA A 15 -20.39 -4.91 -1.36
N LYS A 16 -20.77 -5.75 -0.41
CA LYS A 16 -21.26 -7.12 -0.66
C LYS A 16 -20.21 -8.00 -1.37
N ASN A 17 -18.96 -7.54 -1.43
CA ASN A 17 -17.93 -8.13 -2.27
C ASN A 17 -18.39 -8.24 -3.72
N THR A 18 -19.28 -7.33 -4.17
CA THR A 18 -19.61 -7.27 -5.59
C THR A 18 -19.46 -5.90 -6.19
N GLY A 19 -19.47 -4.81 -5.40
CA GLY A 19 -19.16 -3.52 -5.99
C GLY A 19 -19.88 -2.39 -5.28
N CYS A 20 -19.16 -1.29 -5.04
CA CYS A 20 -19.80 -0.08 -4.54
C CYS A 20 -20.42 0.66 -5.72
N THR A 21 -21.73 0.93 -5.64
CA THR A 21 -22.45 1.51 -6.77
C THR A 21 -23.21 2.78 -6.43
N ILE A 22 -23.36 3.12 -5.15
CA ILE A 22 -24.04 4.35 -4.74
C ILE A 22 -23.08 5.28 -4.02
N ILE A 23 -22.37 4.76 -3.02
CA ILE A 23 -21.30 5.46 -2.32
C ILE A 23 -20.28 4.41 -1.91
N GLY A 24 -19.00 4.79 -1.92
CA GLY A 24 -18.01 3.85 -1.42
C GLY A 24 -18.19 3.52 0.05
N VAL A 25 -17.97 2.23 0.37
CA VAL A 25 -17.82 1.83 1.78
C VAL A 25 -16.74 2.68 2.46
N CYS A 26 -15.67 3.03 1.73
CA CYS A 26 -14.59 3.87 2.25
C CYS A 26 -15.02 5.33 2.43
N GLY A 27 -16.15 5.76 1.90
CA GLY A 27 -16.55 7.16 1.95
C GLY A 27 -16.38 7.89 0.63
N LYS A 28 -15.81 7.22 -0.38
CA LYS A 28 -15.65 7.86 -1.69
C LYS A 28 -17.02 8.08 -2.34
N LYS A 29 -17.34 9.34 -2.58
CA LYS A 29 -18.67 9.68 -3.15
C LYS A 29 -18.70 9.37 -4.65
N ASP A 30 -19.91 9.24 -5.18
CA ASP A 30 -20.05 8.86 -6.58
C ASP A 30 -19.30 9.80 -7.52
N ASN A 31 -19.42 11.13 -7.30
CA ASN A 31 -18.74 12.06 -8.19
C ASN A 31 -17.22 11.89 -8.12
N VAL A 32 -16.69 11.63 -6.91
CA VAL A 32 -15.26 11.39 -6.77
C VAL A 32 -14.85 10.09 -7.44
N ALA A 33 -15.63 9.02 -7.26
CA ALA A 33 -15.31 7.74 -7.88
C ALA A 33 -15.28 7.88 -9.40
N ASN A 34 -16.24 8.61 -9.97
CA ASN A 34 -16.28 8.74 -11.44
C ASN A 34 -15.12 9.60 -11.93
N LEU A 35 -14.79 10.67 -11.19
CA LEU A 35 -13.61 11.46 -11.52
C LEU A 35 -12.33 10.63 -11.43
N GLN A 36 -12.21 9.74 -10.42
CA GLN A 36 -11.03 8.86 -10.34
C GLN A 36 -10.95 7.96 -11.57
N ASP A 37 -12.11 7.42 -12.01
CA ASP A 37 -12.12 6.66 -13.27
C ASP A 37 -11.58 7.50 -14.41
N LEU A 38 -12.06 8.74 -14.53
CA LEU A 38 -11.57 9.60 -15.62
C LEU A 38 -10.08 9.89 -15.48
N LEU A 39 -9.58 9.99 -14.26
CA LEU A 39 -8.15 10.17 -14.08
C LEU A 39 -7.38 8.95 -14.57
N VAL A 40 -7.80 7.75 -14.18
CA VAL A 40 -7.18 6.55 -14.73
C VAL A 40 -7.27 6.52 -16.26
N TYR A 41 -8.42 6.88 -16.80
CA TYR A 41 -8.60 6.90 -18.26
C TYR A 41 -7.61 7.88 -18.91
N THR A 42 -7.43 9.03 -18.28
CA THR A 42 -6.53 10.06 -18.81
C THR A 42 -5.09 9.57 -18.76
N VAL A 43 -4.72 8.88 -17.67
CA VAL A 43 -3.39 8.28 -17.53
C VAL A 43 -3.18 7.22 -18.59
N LYS A 44 -4.18 6.35 -18.81
CA LYS A 44 -4.06 5.38 -19.89
C LYS A 44 -3.80 6.06 -21.24
N GLY A 45 -4.55 7.15 -21.56
CA GLY A 45 -4.32 7.85 -22.84
C GLY A 45 -2.93 8.48 -22.93
N LEU A 46 -2.45 9.02 -21.81
CA LEU A 46 -1.11 9.58 -21.76
C LEU A 46 -0.07 8.51 -22.02
N ALA A 47 -0.28 7.32 -21.45
CA ALA A 47 0.61 6.18 -21.74
C ALA A 47 0.58 5.80 -23.21
N VAL A 48 -0.61 5.80 -23.82
CA VAL A 48 -0.71 5.51 -25.25
C VAL A 48 0.11 6.51 -26.06
N VAL A 49 -0.04 7.79 -25.76
CA VAL A 49 0.68 8.81 -26.51
C VAL A 49 2.20 8.71 -26.29
N ARG A 50 2.65 8.49 -25.04
CA ARG A 50 4.09 8.30 -24.81
C ARG A 50 4.61 7.06 -25.53
N GLU A 51 3.84 5.97 -25.53
CA GLU A 51 4.29 4.79 -26.27
C GLU A 51 4.33 5.05 -27.77
N ASN A 52 3.41 5.88 -28.30
CA ASN A 52 3.51 6.31 -29.69
C ASN A 52 4.79 7.10 -29.96
N LEU A 53 5.16 8.01 -29.04
CA LEU A 53 6.39 8.76 -29.24
C LEU A 53 7.62 7.87 -29.13
N GLY A 54 7.55 6.83 -28.30
CA GLY A 54 8.64 5.89 -28.05
C GLY A 54 9.48 6.15 -26.83
N TYR A 55 9.10 7.09 -25.96
CA TYR A 55 9.89 7.45 -24.80
C TYR A 55 9.03 8.33 -23.91
N SER A 56 9.51 8.50 -22.69
CA SER A 56 8.84 9.34 -21.71
C SER A 56 9.85 10.34 -21.19
N ASN A 57 9.53 11.03 -20.10
CA ASN A 57 10.45 11.92 -19.42
C ASN A 57 10.08 11.93 -17.94
N ASP A 58 10.96 12.55 -17.14
CA ASP A 58 10.83 12.47 -15.69
C ASP A 58 9.50 13.07 -15.21
N LYS A 59 9.12 14.21 -15.76
CA LYS A 59 7.88 14.83 -15.30
C LYS A 59 6.67 13.98 -15.63
N THR A 60 6.71 13.26 -16.77
CA THR A 60 5.59 12.39 -17.13
C THR A 60 5.58 11.13 -16.27
N ASP A 61 6.78 10.55 -16.01
CA ASP A 61 6.88 9.37 -15.16
C ASP A 61 6.33 9.66 -13.76
N ARG A 62 6.75 10.78 -13.16
CA ARG A 62 6.26 11.14 -11.84
C ARG A 62 4.76 11.41 -11.87
N TYR A 63 4.28 12.15 -12.87
CA TYR A 63 2.84 12.37 -12.99
C TYR A 63 2.06 11.04 -13.02
N ILE A 64 2.49 10.11 -13.87
CA ILE A 64 1.73 8.87 -14.03
C ILE A 64 1.65 8.08 -12.71
N VAL A 65 2.77 7.94 -11.97
CA VAL A 65 2.68 7.20 -10.71
C VAL A 65 1.84 7.98 -9.69
N ASP A 66 1.99 9.30 -9.67
CA ASP A 66 1.25 10.08 -8.68
C ASP A 66 -0.24 10.07 -8.97
N ALA A 67 -0.63 10.17 -10.26
CA ALA A 67 -2.04 10.12 -10.63
C ALA A 67 -2.64 8.76 -10.30
N LEU A 68 -1.92 7.67 -10.56
CA LEU A 68 -2.42 6.33 -10.19
C LEU A 68 -2.57 6.23 -8.67
N PHE A 69 -1.59 6.74 -7.93
CA PHE A 69 -1.62 6.67 -6.44
C PHE A 69 -2.82 7.48 -5.94
N THR A 70 -3.14 8.58 -6.61
CA THR A 70 -4.29 9.43 -6.22
C THR A 70 -5.58 8.61 -6.22
N THR A 71 -5.64 7.56 -7.06
CA THR A 71 -6.88 6.75 -7.18
C THR A 71 -6.86 5.47 -6.35
N ILE A 72 -5.84 5.28 -5.49
CA ILE A 72 -5.77 4.11 -4.61
C ILE A 72 -6.66 4.33 -3.41
N THR A 73 -7.24 3.24 -2.89
CA THR A 73 -8.20 3.34 -1.79
C THR A 73 -7.66 4.15 -0.63
N ASN A 74 -8.52 5.03 -0.10
CA ASN A 74 -8.23 5.83 1.10
C ASN A 74 -7.11 6.85 0.89
N VAL A 75 -6.87 7.30 -0.35
CA VAL A 75 -5.85 8.32 -0.61
C VAL A 75 -6.48 9.69 -0.78
N ASN A 76 -7.43 9.84 -1.71
CA ASN A 76 -7.87 11.18 -2.07
C ASN A 76 -9.38 11.20 -2.28
N PHE A 77 -10.07 11.97 -1.44
CA PHE A 77 -11.51 12.14 -1.47
C PHE A 77 -11.92 13.47 -2.08
N ASP A 78 -10.99 14.21 -2.67
CA ASP A 78 -11.23 15.62 -3.01
C ASP A 78 -11.44 15.74 -4.51
N ASP A 79 -12.70 15.92 -4.91
CA ASP A 79 -13.03 16.08 -6.33
C ASP A 79 -12.21 17.19 -6.98
N LYS A 80 -11.91 18.26 -6.25
CA LYS A 80 -11.11 19.34 -6.85
C LYS A 80 -9.70 18.87 -7.17
N ASP A 81 -9.09 18.11 -6.27
CA ASP A 81 -7.75 17.56 -6.52
C ASP A 81 -7.78 16.64 -7.71
N ILE A 82 -8.80 15.79 -7.80
CA ILE A 82 -8.87 14.84 -8.90
C ILE A 82 -9.05 15.56 -10.22
N ILE A 83 -9.90 16.59 -10.26
CA ILE A 83 -10.07 17.39 -11.47
C ILE A 83 -8.76 18.07 -11.86
N GLU A 84 -8.03 18.61 -10.89
CA GLU A 84 -6.71 19.25 -11.19
C GLU A 84 -5.76 18.20 -11.81
N LYS A 85 -5.75 16.99 -11.26
CA LYS A 85 -4.86 15.91 -11.77
C LYS A 85 -5.27 15.53 -13.20
N ILE A 86 -6.58 15.47 -13.46
CA ILE A 86 -7.06 15.17 -14.84
C ILE A 86 -6.55 16.25 -15.79
N LYS A 87 -6.68 17.52 -15.43
CA LYS A 87 -6.25 18.61 -16.29
C LYS A 87 -4.74 18.60 -16.50
N GLU A 88 -3.99 18.25 -15.45
CA GLU A 88 -2.54 18.11 -15.58
C GLU A 88 -2.18 17.01 -16.60
N GLY A 89 -2.88 15.87 -16.54
CA GLY A 89 -2.67 14.83 -17.53
C GLY A 89 -3.02 15.24 -18.94
N LEU A 90 -4.14 15.96 -19.11
CA LEU A 90 -4.47 16.43 -20.45
C LEU A 90 -3.40 17.39 -20.97
N ALA A 91 -2.86 18.25 -20.10
CA ALA A 91 -1.83 19.17 -20.57
C ALA A 91 -0.56 18.42 -20.95
N LEU A 92 -0.14 17.46 -20.12
CA LEU A 92 1.02 16.63 -20.47
C LEU A 92 0.75 15.85 -21.75
N ARG A 93 -0.47 15.35 -21.94
CA ARG A 93 -0.76 14.63 -23.17
C ARG A 93 -0.70 15.53 -24.41
N GLU A 94 -1.28 16.73 -24.33
CA GLU A 94 -1.21 17.66 -25.47
C GLU A 94 0.23 18.04 -25.81
N GLU A 95 1.05 18.34 -24.79
CA GLU A 95 2.48 18.54 -25.00
C GLU A 95 3.12 17.39 -25.77
N ALA A 96 2.88 16.17 -25.30
CA ALA A 96 3.45 15.00 -25.96
C ALA A 96 2.98 14.93 -27.40
N ALA A 97 1.67 15.12 -27.60
CA ALA A 97 1.13 15.03 -28.96
C ALA A 97 1.76 16.05 -29.87
N SER A 98 2.12 17.23 -29.33
CA SER A 98 2.77 18.23 -30.16
C SER A 98 4.16 17.79 -30.62
N LYS A 99 4.78 16.83 -29.92
CA LYS A 99 6.09 16.33 -30.30
C LYS A 99 5.99 15.07 -31.16
N SER A 100 4.78 14.63 -31.49
CA SER A 100 4.63 13.41 -32.26
C SER A 100 5.24 13.55 -33.65
N THR A 101 5.95 12.52 -34.06
CA THR A 101 6.45 12.47 -35.43
C THR A 101 5.50 11.78 -36.39
N CYS A 102 4.35 11.30 -35.93
CA CYS A 102 3.37 10.66 -36.82
C CYS A 102 1.99 11.06 -36.36
N PRO A 103 1.62 12.33 -36.53
CA PRO A 103 0.32 12.80 -36.02
C PRO A 103 -0.87 12.30 -36.84
N GLY A 104 -0.61 11.72 -38.01
CA GLY A 104 -1.70 11.12 -38.78
C GLY A 104 -2.27 9.91 -38.06
N CYS A 105 -1.61 9.45 -36.99
CA CYS A 105 -2.05 8.23 -36.25
C CYS A 105 -3.23 8.55 -35.32
N GLY A 106 -3.56 9.83 -35.17
CA GLY A 106 -4.63 10.24 -34.22
C GLY A 106 -5.92 9.47 -34.35
N GLY A 107 -6.41 9.22 -35.56
CA GLY A 107 -7.73 8.60 -35.71
C GLY A 107 -7.77 7.12 -35.38
N ASP A 108 -6.62 6.45 -35.37
CA ASP A 108 -6.54 5.05 -34.98
C ASP A 108 -6.42 4.87 -33.47
N LEU A 109 -6.34 5.95 -32.72
CA LEU A 109 -6.04 5.92 -31.30
C LEU A 109 -7.32 5.69 -30.48
N PRO A 110 -7.21 4.97 -29.37
CA PRO A 110 -8.38 4.78 -28.52
C PRO A 110 -8.83 6.11 -27.96
N ASP A 111 -10.11 6.16 -27.58
CA ASP A 111 -10.70 7.41 -27.12
C ASP A 111 -9.93 7.99 -25.95
N CYS A 112 -9.38 7.14 -25.08
CA CYS A 112 -8.70 7.71 -23.91
C CYS A 112 -7.50 8.57 -24.30
N ALA A 113 -6.92 8.34 -25.46
CA ALA A 113 -5.77 9.11 -25.93
C ALA A 113 -6.16 10.40 -26.66
N THR A 114 -7.43 10.59 -27.01
CA THR A 114 -7.83 11.75 -27.82
C THR A 114 -8.96 12.56 -27.19
N TRP A 115 -9.60 12.09 -26.13
CA TRP A 115 -10.74 12.82 -25.58
C TRP A 115 -10.29 14.18 -25.07
N THR A 116 -11.19 15.16 -25.20
CA THR A 116 -10.93 16.52 -24.74
C THR A 116 -12.15 17.03 -23.98
N ALA A 117 -11.94 18.07 -23.18
CA ALA A 117 -13.05 18.75 -22.53
C ALA A 117 -12.76 20.25 -22.49
N ASP A 118 -13.74 21.06 -22.87
CA ASP A 118 -13.57 22.50 -22.92
C ASP A 118 -14.08 23.20 -21.67
N SER A 119 -14.43 22.46 -20.61
CA SER A 119 -15.00 23.04 -19.40
C SER A 119 -15.04 21.96 -18.32
N ASP A 120 -15.09 22.41 -17.06
CA ASP A 120 -15.25 21.47 -15.95
C ASP A 120 -16.54 20.65 -16.09
N ASP A 121 -17.60 21.29 -16.61
CA ASP A 121 -18.85 20.59 -16.86
C ASP A 121 -18.65 19.45 -17.83
N GLU A 122 -17.86 19.67 -18.88
CA GLU A 122 -17.58 18.60 -19.85
CA GLU A 122 -17.61 18.59 -19.84
C GLU A 122 -16.74 17.50 -19.23
N ILE A 123 -15.85 17.87 -18.29
CA ILE A 123 -15.08 16.86 -17.57
C ILE A 123 -16.02 15.97 -16.76
N ILE A 124 -16.94 16.60 -16.02
CA ILE A 124 -17.86 15.81 -15.21
C ILE A 124 -18.72 14.91 -16.09
N LYS A 125 -19.20 15.44 -17.22
CA LYS A 125 -19.99 14.66 -18.16
C LYS A 125 -19.20 13.43 -18.64
N LYS A 126 -17.92 13.63 -18.98
CA LYS A 126 -17.10 12.51 -19.41
C LYS A 126 -16.87 11.54 -18.28
N ALA A 127 -16.67 12.03 -17.05
CA ALA A 127 -16.46 11.14 -15.92
C ALA A 127 -17.70 10.26 -15.69
N ASN A 128 -18.88 10.79 -15.97
CA ASN A 128 -20.12 10.03 -15.80
C ASN A 128 -20.44 9.12 -16.97
N SER A 129 -19.61 9.09 -18.02
CA SER A 129 -19.89 8.25 -19.18
C SER A 129 -19.54 6.78 -18.90
N LEU A 130 -20.21 5.89 -19.64
CA LEU A 130 -19.93 4.46 -19.47
C LEU A 130 -18.51 4.13 -19.95
N GLU A 131 -18.04 4.81 -21.00
CA GLU A 131 -16.75 4.43 -21.59
C GLU A 131 -15.58 4.57 -20.62
N VAL A 132 -15.68 5.44 -19.59
CA VAL A 132 -14.59 5.58 -18.62
C VAL A 132 -14.77 4.67 -17.40
N SER A 133 -15.89 3.97 -17.29
CA SER A 133 -16.10 3.11 -16.14
CA SER A 133 -16.13 3.09 -16.16
C SER A 133 -15.29 1.82 -16.27
N VAL A 134 -15.00 1.22 -15.11
CA VAL A 134 -14.42 -0.12 -15.05
C VAL A 134 -15.28 -1.11 -15.82
N LEU A 135 -16.60 -0.91 -15.81
CA LEU A 135 -17.54 -1.79 -16.51
C LEU A 135 -17.52 -1.64 -18.05
N ALA A 136 -16.71 -0.73 -18.62
CA ALA A 136 -16.71 -0.59 -20.07
C ALA A 136 -16.19 -1.84 -20.78
N THR A 137 -15.34 -2.63 -20.12
CA THR A 137 -14.88 -3.88 -20.70
C THR A 137 -16.00 -4.90 -20.63
N GLU A 138 -16.45 -5.40 -21.78
CA GLU A 138 -17.70 -6.16 -21.78
C GLU A 138 -17.54 -7.62 -21.37
N ASN A 139 -16.47 -8.30 -21.80
CA ASN A 139 -16.30 -9.69 -21.41
C ASN A 139 -15.73 -9.77 -19.98
N GLU A 140 -16.35 -10.60 -19.14
CA GLU A 140 -16.03 -10.57 -17.72
C GLU A 140 -14.61 -11.07 -17.43
N ASP A 141 -14.08 -11.99 -18.25
CA ASP A 141 -12.71 -12.46 -18.01
C ASP A 141 -11.71 -11.41 -18.44
N VAL A 142 -11.93 -10.79 -19.61
CA VAL A 142 -11.08 -9.69 -20.04
C VAL A 142 -11.12 -8.56 -19.02
N ARG A 143 -12.31 -8.25 -18.49
CA ARG A 143 -12.42 -7.21 -17.48
C ARG A 143 -11.65 -7.58 -16.22
N SER A 144 -11.84 -8.82 -15.75
CA SER A 144 -11.16 -9.27 -14.55
C SER A 144 -9.64 -9.13 -14.69
N LEU A 145 -9.10 -9.62 -15.80
CA LEU A 145 -7.65 -9.55 -16.02
C LEU A 145 -7.16 -8.11 -16.18
N ARG A 146 -7.93 -7.27 -16.90
CA ARG A 146 -7.51 -5.87 -17.02
C ARG A 146 -7.51 -5.17 -15.68
N GLU A 147 -8.54 -5.41 -14.85
CA GLU A 147 -8.63 -4.73 -13.56
C GLU A 147 -7.56 -5.27 -12.60
N LEU A 148 -7.34 -6.59 -12.60
CA LEU A 148 -6.28 -7.14 -11.74
C LEU A 148 -4.93 -6.53 -12.11
N LEU A 149 -4.63 -6.50 -13.41
CA LEU A 149 -3.39 -5.88 -13.89
C LEU A 149 -3.34 -4.42 -13.47
N THR A 150 -4.45 -3.68 -13.65
CA THR A 150 -4.46 -2.27 -13.34
C THR A 150 -4.22 -2.05 -11.85
N TYR A 151 -4.83 -2.88 -10.98
CA TYR A 151 -4.62 -2.63 -9.56
C TYR A 151 -3.21 -3.01 -9.13
N GLY A 152 -2.65 -4.06 -9.72
CA GLY A 152 -1.23 -4.36 -9.51
C GLY A 152 -0.33 -3.20 -9.92
N VAL A 153 -0.65 -2.58 -11.07
CA VAL A 153 0.08 -1.40 -11.54
C VAL A 153 -0.08 -0.22 -10.58
N LYS A 154 -1.30 0.01 -10.02
CA LYS A 154 -1.44 1.05 -9.01
C LYS A 154 -0.51 0.78 -7.83
N GLY A 155 -0.43 -0.47 -7.36
CA GLY A 155 0.44 -0.77 -6.23
C GLY A 155 1.90 -0.50 -6.57
N ILE A 156 2.34 -0.93 -7.76
CA ILE A 156 3.69 -0.59 -8.25
C ILE A 156 3.90 0.92 -8.22
N ALA A 157 2.93 1.66 -8.74
CA ALA A 157 3.02 3.11 -8.82
C ALA A 157 3.22 3.74 -7.44
N ALA A 158 2.50 3.25 -6.42
CA ALA A 158 2.65 3.81 -5.07
C ALA A 158 4.08 3.61 -4.59
N TYR A 159 4.59 2.40 -4.68
CA TYR A 159 5.93 2.16 -4.16
C TYR A 159 6.98 2.90 -4.98
N LEU A 160 6.81 2.96 -6.29
CA LEU A 160 7.73 3.68 -7.16
C LEU A 160 7.74 5.17 -6.82
N HIS A 161 6.56 5.74 -6.55
CA HIS A 161 6.46 7.11 -6.07
C HIS A 161 7.38 7.33 -4.87
N HIS A 162 7.34 6.43 -3.88
CA HIS A 162 8.17 6.64 -2.68
C HIS A 162 9.66 6.57 -3.02
N ALA A 163 10.05 5.63 -3.88
CA ALA A 163 11.44 5.58 -4.31
C ALA A 163 11.85 6.91 -4.96
N MET A 164 10.95 7.47 -5.79
CA MET A 164 11.28 8.66 -6.56
C MET A 164 11.38 9.87 -5.64
N VAL A 165 10.52 9.91 -4.60
CA VAL A 165 10.59 10.97 -3.56
C VAL A 165 11.98 11.00 -2.94
N LEU A 166 12.60 9.83 -2.78
CA LEU A 166 13.92 9.67 -2.19
C LEU A 166 15.08 9.77 -3.18
N GLY A 167 14.80 10.03 -4.47
CA GLY A 167 15.82 10.21 -5.49
C GLY A 167 16.23 8.94 -6.22
N TYR A 168 15.43 7.88 -6.12
CA TYR A 168 15.69 6.60 -6.77
C TYR A 168 14.68 6.39 -7.90
N ASP A 169 15.13 5.74 -8.96
CA ASP A 169 14.22 5.52 -10.08
C ASP A 169 14.66 4.28 -10.84
N ASN A 170 13.75 3.80 -11.69
CA ASN A 170 14.10 2.74 -12.64
C ASN A 170 13.17 2.91 -13.83
N LYS A 171 13.70 3.40 -14.95
CA LYS A 171 12.86 3.68 -16.13
C LYS A 171 12.31 2.43 -16.78
N ASP A 172 12.87 1.25 -16.49
CA ASP A 172 12.26 0.02 -17.00
C ASP A 172 10.94 -0.25 -16.30
N ILE A 173 10.78 0.16 -15.04
CA ILE A 173 9.51 -0.05 -14.36
C ILE A 173 8.46 0.87 -14.94
N HIS A 174 8.85 2.13 -15.19
CA HIS A 174 7.92 3.06 -15.83
C HIS A 174 7.51 2.54 -17.20
N LYS A 175 8.48 2.00 -17.96
CA LYS A 175 8.16 1.44 -19.30
C LYS A 175 7.09 0.35 -19.14
N PHE A 176 7.23 -0.50 -18.13
CA PHE A 176 6.24 -1.56 -17.89
C PHE A 176 4.88 -0.98 -17.52
N ILE A 177 4.86 0.03 -16.64
CA ILE A 177 3.60 0.67 -16.29
C ILE A 177 2.89 1.14 -17.55
N ARG A 178 3.60 1.82 -18.44
CA ARG A 178 2.97 2.30 -19.67
C ARG A 178 2.48 1.15 -20.52
N LYS A 179 3.32 0.10 -20.69
CA LYS A 179 2.92 -1.05 -21.49
C LYS A 179 1.65 -1.67 -20.94
N ALA A 180 1.59 -1.86 -19.62
CA ALA A 180 0.40 -2.44 -19.01
C ALA A 180 -0.82 -1.56 -19.22
N LEU A 181 -0.69 -0.26 -18.95
CA LEU A 181 -1.83 0.64 -19.16
C LEU A 181 -2.30 0.56 -20.61
N VAL A 182 -1.37 0.59 -21.58
CA VAL A 182 -1.76 0.52 -22.97
C VAL A 182 -2.49 -0.78 -23.24
N ALA A 183 -2.01 -1.88 -22.66
CA ALA A 183 -2.63 -3.17 -22.90
C ALA A 183 -4.12 -3.16 -22.53
N THR A 184 -4.49 -2.45 -21.45
CA THR A 184 -5.89 -2.42 -21.02
C THR A 184 -6.78 -1.64 -21.97
N THR A 185 -6.18 -0.90 -22.91
CA THR A 185 -6.93 -0.21 -23.95
C THR A 185 -6.96 -0.97 -25.25
N ASP A 186 -6.25 -2.11 -25.34
CA ASP A 186 -6.00 -2.80 -26.59
C ASP A 186 -6.93 -4.01 -26.72
N ASP A 187 -8.00 -3.87 -27.52
CA ASP A 187 -8.93 -4.98 -27.71
C ASP A 187 -8.37 -6.14 -28.52
N SER A 188 -7.19 -6.00 -29.15
CA SER A 188 -6.62 -7.10 -29.90
C SER A 188 -6.00 -8.19 -29.01
N LEU A 189 -5.73 -7.89 -27.74
CA LEU A 189 -5.01 -8.83 -26.88
C LEU A 189 -5.92 -9.98 -26.45
N SER A 190 -5.35 -11.19 -26.42
CA SER A 190 -6.10 -12.31 -25.87
C SER A 190 -6.01 -12.37 -24.33
N ALA A 191 -6.85 -13.23 -23.76
CA ALA A 191 -6.80 -13.43 -22.32
C ALA A 191 -5.44 -14.02 -21.90
N ASP A 192 -4.89 -14.92 -22.70
CA ASP A 192 -3.56 -15.46 -22.39
C ASP A 192 -2.51 -14.35 -22.38
N GLU A 193 -2.59 -13.41 -23.31
CA GLU A 193 -1.65 -12.31 -23.32
C GLU A 193 -1.82 -11.42 -22.09
N LEU A 194 -3.08 -11.18 -21.66
CA LEU A 194 -3.29 -10.41 -20.43
C LEU A 194 -2.78 -11.17 -19.22
N THR A 195 -3.00 -12.49 -19.20
CA THR A 195 -2.48 -13.31 -18.11
C THR A 195 -0.97 -13.19 -18.00
N ALA A 196 -0.27 -13.24 -19.13
CA ALA A 196 1.19 -13.06 -19.13
C ALA A 196 1.56 -11.69 -18.57
N LEU A 197 0.78 -10.64 -18.89
CA LEU A 197 1.06 -9.32 -18.34
C LEU A 197 0.83 -9.26 -16.84
N VAL A 198 -0.17 -9.99 -16.32
CA VAL A 198 -0.34 -10.03 -14.86
C VAL A 198 0.89 -10.67 -14.19
N LEU A 199 1.42 -11.75 -14.76
CA LEU A 199 2.64 -12.35 -14.22
C LEU A 199 3.80 -11.37 -14.31
N GLU A 200 3.95 -10.70 -15.45
CA GLU A 200 5.01 -9.69 -15.59
C GLU A 200 4.83 -8.53 -14.62
N CYS A 201 3.58 -8.18 -14.30
CA CYS A 201 3.33 -7.22 -13.24
C CYS A 201 3.92 -7.68 -11.90
N GLY A 202 3.83 -8.97 -11.60
CA GLY A 202 4.49 -9.49 -10.37
C GLY A 202 5.99 -9.31 -10.44
N LYS A 203 6.58 -9.57 -11.59
CA LYS A 203 8.05 -9.40 -11.77
C LYS A 203 8.43 -7.94 -11.48
N TYR A 204 7.69 -7.00 -12.04
CA TYR A 204 8.02 -5.57 -11.86
C TYR A 204 7.64 -5.13 -10.44
N ALA A 205 6.70 -5.83 -9.79
CA ALA A 205 6.44 -5.49 -8.41
C ALA A 205 7.62 -5.87 -7.54
N VAL A 206 8.22 -7.05 -7.80
CA VAL A 206 9.47 -7.38 -7.13
C VAL A 206 10.52 -6.29 -7.37
N ASP A 207 10.71 -5.89 -8.63
CA ASP A 207 11.75 -4.89 -8.92
C ASP A 207 11.47 -3.57 -8.21
N THR A 208 10.18 -3.17 -8.11
CA THR A 208 9.81 -1.91 -7.49
C THR A 208 10.01 -1.98 -6.00
N MET A 209 9.61 -3.08 -5.37
N MET A 209 9.62 -3.09 -5.40
CA MET A 209 9.87 -3.22 -3.94
CA MET A 209 9.85 -3.28 -3.98
C MET A 209 11.37 -3.31 -3.67
C MET A 209 11.35 -3.33 -3.67
N ALA A 210 12.14 -3.93 -4.57
CA ALA A 210 13.59 -3.93 -4.41
C ALA A 210 14.15 -2.51 -4.45
N LEU A 211 13.67 -1.69 -5.38
CA LEU A 211 14.10 -0.30 -5.50
C LEU A 211 13.75 0.52 -4.26
N LEU A 212 12.52 0.38 -3.74
CA LEU A 212 12.11 1.08 -2.54
C LEU A 212 12.88 0.59 -1.32
N ASP A 213 13.15 -0.72 -1.25
CA ASP A 213 14.00 -1.23 -0.17
C ASP A 213 15.38 -0.59 -0.24
N LYS A 214 15.95 -0.50 -1.43
CA LYS A 214 17.25 0.20 -1.61
C LYS A 214 17.12 1.67 -1.18
N ALA A 215 16.07 2.35 -1.62
CA ALA A 215 15.91 3.78 -1.31
C ALA A 215 15.81 4.00 0.19
N ASN A 216 14.94 3.24 0.86
CA ASN A 216 14.73 3.43 2.28
C ASN A 216 16.00 3.11 3.07
N THR A 217 16.65 1.99 2.75
CA THR A 217 17.79 1.55 3.54
C THR A 217 19.04 2.37 3.25
N GLU A 218 19.26 2.76 1.99
CA GLU A 218 20.42 3.60 1.69
C GLU A 218 20.26 4.98 2.30
N THR A 219 19.00 5.44 2.45
CA THR A 219 18.78 6.78 2.99
C THR A 219 18.80 6.78 4.51
N TYR A 220 18.13 5.81 5.14
CA TYR A 220 17.91 5.85 6.59
C TYR A 220 18.58 4.72 7.35
N GLY A 221 19.31 3.84 6.67
CA GLY A 221 19.99 2.72 7.29
C GLY A 221 19.16 1.44 7.16
N HIS A 222 19.78 0.34 7.44
CA HIS A 222 19.02 -0.91 7.49
C HIS A 222 18.23 -0.98 8.80
N PRO A 223 16.96 -1.35 8.77
CA PRO A 223 16.22 -1.63 10.02
C PRO A 223 16.98 -2.57 10.94
N GLU A 224 16.84 -2.34 12.25
CA GLU A 224 17.50 -3.21 13.19
C GLU A 224 16.57 -3.46 14.36
N ILE A 225 16.89 -4.50 15.14
CA ILE A 225 16.06 -4.84 16.30
C ILE A 225 15.87 -3.61 17.15
N THR A 226 14.61 -3.28 17.42
CA THR A 226 14.23 -2.09 18.16
C THR A 226 13.03 -2.36 19.04
N GLU A 227 13.08 -1.90 20.30
CA GLU A 227 11.90 -1.89 21.16
C GLU A 227 11.19 -0.56 20.98
N VAL A 228 9.90 -0.60 20.72
CA VAL A 228 9.13 0.62 20.42
C VAL A 228 8.09 0.82 21.52
N ASP A 229 8.11 2.02 22.11
N ASP A 229 8.11 2.02 22.11
CA ASP A 229 7.14 2.36 23.18
CA ASP A 229 7.14 2.35 23.19
C ASP A 229 5.76 2.62 22.58
C ASP A 229 5.76 2.62 22.58
N ILE A 230 4.72 2.05 23.18
CA ILE A 230 3.36 2.31 22.74
C ILE A 230 2.58 3.20 23.69
N GLY A 231 3.23 3.64 24.79
CA GLY A 231 2.66 4.63 25.69
C GLY A 231 2.97 6.04 25.21
N VAL A 232 2.70 7.00 26.11
CA VAL A 232 2.80 8.41 25.75
C VAL A 232 3.61 9.18 26.78
N ARG A 233 4.15 10.31 26.34
CA ARG A 233 4.79 11.28 27.22
C ARG A 233 3.82 12.42 27.49
N ASN A 234 4.31 13.46 28.15
CA ASN A 234 3.44 14.51 28.67
C ASN A 234 3.57 15.81 27.88
N ASN A 235 4.09 15.75 26.65
CA ASN A 235 4.21 16.91 25.78
C ASN A 235 3.19 16.86 24.67
N PRO A 236 2.81 18.02 24.11
CA PRO A 236 2.03 17.99 22.87
C PRO A 236 2.82 17.23 21.82
N GLY A 237 2.10 16.56 20.93
CA GLY A 237 2.73 15.78 19.89
C GLY A 237 2.14 16.08 18.52
N ILE A 238 2.83 15.57 17.52
CA ILE A 238 2.34 15.47 16.15
C ILE A 238 2.41 13.98 15.79
N LEU A 239 1.31 13.46 15.28
CA LEU A 239 1.20 12.06 14.88
C LEU A 239 1.33 11.99 13.35
N ILE A 240 2.25 11.16 12.88
CA ILE A 240 2.45 11.01 11.44
C ILE A 240 2.00 9.62 11.02
N SER A 241 1.21 9.55 9.94
CA SER A 241 0.59 8.33 9.47
C SER A 241 0.91 8.11 7.99
N GLY A 242 0.59 6.91 7.54
CA GLY A 242 0.86 6.52 6.15
C GLY A 242 2.24 5.86 6.07
N HIS A 243 2.98 6.11 4.97
CA HIS A 243 4.20 5.35 4.68
C HIS A 243 5.45 6.20 4.43
N ASP A 244 5.34 7.52 4.25
CA ASP A 244 6.49 8.23 3.65
C ASP A 244 7.55 8.58 4.69
N LEU A 245 8.72 7.94 4.58
CA LEU A 245 9.77 8.21 5.56
C LEU A 245 10.45 9.58 5.37
N LYS A 246 10.50 10.11 4.14
N LYS A 246 10.47 10.10 4.14
CA LYS A 246 11.10 11.42 3.95
CA LYS A 246 11.06 11.41 3.90
C LYS A 246 10.28 12.50 4.67
C LYS A 246 10.27 12.50 4.63
N ASP A 247 8.94 12.36 4.67
CA ASP A 247 8.12 13.31 5.43
C ASP A 247 8.49 13.28 6.91
N LEU A 248 8.65 12.08 7.47
CA LEU A 248 9.07 11.96 8.86
C LEU A 248 10.44 12.60 9.09
N GLU A 249 11.40 12.36 8.20
CA GLU A 249 12.72 12.96 8.35
C GLU A 249 12.62 14.47 8.56
N GLN A 250 11.81 15.13 7.74
CA GLN A 250 11.71 16.59 7.84
C GLN A 250 10.92 16.99 9.07
N LEU A 251 9.85 16.25 9.39
CA LEU A 251 9.09 16.56 10.61
C LEU A 251 9.96 16.45 11.86
N LEU A 252 10.80 15.41 11.95
CA LEU A 252 11.66 15.25 13.10
C LEU A 252 12.70 16.38 13.21
N GLU A 253 13.35 16.70 12.09
CA GLU A 253 14.31 17.81 12.05
C GLU A 253 13.65 19.09 12.57
N GLN A 254 12.42 19.38 12.10
CA GLN A 254 11.80 20.66 12.41
C GLN A 254 11.21 20.72 13.82
N THR A 255 10.90 19.57 14.42
CA THR A 255 10.38 19.56 15.80
C THR A 255 11.46 19.41 16.84
N LYS A 256 12.70 19.09 16.45
CA LYS A 256 13.78 19.08 17.42
C LYS A 256 13.88 20.41 18.14
N GLY A 257 13.95 20.35 19.48
CA GLY A 257 14.10 21.54 20.30
C GLY A 257 12.86 22.38 20.52
N THR A 258 11.70 21.93 20.04
CA THR A 258 10.49 22.75 20.08
C THR A 258 9.60 22.44 21.27
N GLY A 259 9.85 21.32 21.97
CA GLY A 259 8.91 20.86 22.98
C GLY A 259 7.74 20.08 22.43
N VAL A 260 7.68 19.86 21.12
CA VAL A 260 6.65 19.04 20.51
C VAL A 260 7.26 17.68 20.18
N ASP A 261 6.64 16.60 20.68
CA ASP A 261 7.09 15.24 20.41
C ASP A 261 6.53 14.74 19.08
N VAL A 262 7.13 13.68 18.53
CA VAL A 262 6.60 13.06 17.33
C VAL A 262 6.27 11.60 17.63
N TYR A 263 5.10 11.14 17.14
CA TYR A 263 4.64 9.76 17.26
C TYR A 263 4.31 9.23 15.87
N THR A 264 4.47 7.92 15.69
CA THR A 264 4.05 7.29 14.44
C THR A 264 2.69 6.63 14.62
N HIS A 265 2.06 6.31 13.49
CA HIS A 265 0.75 5.68 13.44
C HIS A 265 0.70 4.73 12.25
N SER A 266 0.09 3.57 12.49
CA SER A 266 -0.16 2.57 11.47
C SER A 266 1.08 2.20 10.66
N GLU A 267 1.18 2.60 9.39
CA GLU A 267 2.32 2.16 8.58
C GLU A 267 3.55 3.03 8.75
N MET A 268 3.54 4.01 9.68
CA MET A 268 4.74 4.72 10.09
C MET A 268 5.50 4.01 11.20
N LEU A 269 4.88 3.04 11.89
CA LEU A 269 5.56 2.28 12.93
C LEU A 269 6.98 1.84 12.55
N PRO A 270 7.24 1.29 11.36
CA PRO A 270 8.60 0.79 11.06
C PRO A 270 9.67 1.86 10.99
N ALA A 271 9.28 3.14 10.92
CA ALA A 271 10.29 4.18 11.00
C ALA A 271 11.18 4.06 12.26
N HIS A 272 10.58 3.60 13.36
CA HIS A 272 11.31 3.38 14.61
C HIS A 272 12.44 2.38 14.46
N TYR A 273 12.39 1.54 13.43
CA TYR A 273 13.42 0.54 13.29
C TYR A 273 14.65 1.06 12.55
N TYR A 274 14.55 2.22 11.92
CA TYR A 274 15.67 2.69 11.12
C TYR A 274 16.63 3.50 11.98
N PRO A 275 17.93 3.28 11.88
CA PRO A 275 18.88 4.06 12.70
C PRO A 275 18.77 5.57 12.52
N ALA A 276 18.41 6.06 11.33
CA ALA A 276 18.34 7.50 11.09
C ALA A 276 17.25 8.19 11.92
N PHE A 277 16.24 7.47 12.38
CA PHE A 277 15.15 8.08 13.15
C PHE A 277 15.30 7.80 14.63
N LYS A 278 15.81 6.60 14.96
CA LYS A 278 16.12 6.24 16.35
C LYS A 278 16.96 7.30 17.05
N LYS A 279 17.72 8.10 16.28
CA LYS A 279 18.65 9.05 16.86
C LYS A 279 18.00 10.23 17.59
N TYR A 280 16.71 10.50 17.40
CA TYR A 280 16.04 11.68 17.94
C TYR A 280 15.36 11.33 19.26
N ASP A 281 15.65 12.11 20.29
N ASP A 281 15.65 12.14 20.30
CA ASP A 281 15.11 11.80 21.61
CA ASP A 281 15.12 11.83 21.62
C ASP A 281 13.66 12.19 21.80
C ASP A 281 13.62 12.07 21.70
N HIS A 282 13.11 13.02 20.90
CA HIS A 282 11.69 13.38 20.99
C HIS A 282 10.80 12.55 20.06
N PHE A 283 11.35 11.50 19.43
CA PHE A 283 10.60 10.54 18.64
C PHE A 283 10.15 9.46 19.63
N VAL A 284 8.90 9.55 20.07
CA VAL A 284 8.47 8.90 21.30
C VAL A 284 8.13 7.43 21.09
N GLY A 285 7.23 7.13 20.16
CA GLY A 285 6.72 5.78 20.05
C GLY A 285 5.64 5.72 19.01
N ASN A 286 4.90 4.62 19.04
CA ASN A 286 3.83 4.36 18.06
C ASN A 286 2.51 4.42 18.79
N TYR A 287 1.58 5.19 18.25
CA TYR A 287 0.32 5.48 18.91
C TYR A 287 -0.86 4.78 18.23
N GLY A 288 -1.59 3.97 19.00
CA GLY A 288 -2.81 3.33 18.51
C GLY A 288 -2.52 2.09 17.69
N GLY A 289 -3.46 1.81 16.77
CA GLY A 289 -3.37 0.62 15.94
C GLY A 289 -3.39 0.89 14.45
N SER A 290 -4.10 0.03 13.72
CA SER A 290 -4.05 0.16 12.28
C SER A 290 -5.04 1.25 11.86
N TRP A 291 -5.00 1.60 10.57
CA TRP A 291 -5.74 2.78 10.05
C TRP A 291 -7.23 2.84 10.38
N TRP A 292 -7.92 1.71 10.48
CA TRP A 292 -9.37 1.79 10.59
C TRP A 292 -9.85 2.30 11.94
N ARG A 293 -8.98 2.37 12.94
CA ARG A 293 -9.37 2.90 14.24
C ARG A 293 -9.12 4.40 14.35
N GLN A 294 -8.76 5.06 13.24
CA GLN A 294 -8.21 6.40 13.37
C GLN A 294 -9.22 7.47 13.78
N LYS A 295 -10.52 7.31 13.49
CA LYS A 295 -11.45 8.34 13.92
CA LYS A 295 -11.46 8.34 13.93
C LYS A 295 -11.42 8.50 15.44
N GLU A 296 -11.30 7.38 16.16
N GLU A 296 -11.30 7.39 16.17
CA GLU A 296 -11.23 7.42 17.62
CA GLU A 296 -11.22 7.49 17.63
C GLU A 296 -9.83 7.81 18.09
C GLU A 296 -9.81 7.84 18.08
N GLU A 297 -8.80 7.20 17.50
CA GLU A 297 -7.43 7.40 17.96
C GLU A 297 -6.87 8.77 17.60
N PHE A 298 -7.18 9.29 16.41
CA PHE A 298 -6.71 10.64 16.08
C PHE A 298 -7.37 11.67 17.00
N GLU A 299 -8.64 11.47 17.36
CA GLU A 299 -9.27 12.36 18.34
CA GLU A 299 -9.27 12.36 18.34
C GLU A 299 -8.52 12.29 19.67
N ALA A 300 -8.26 11.07 20.15
CA ALA A 300 -7.63 10.93 21.47
C ALA A 300 -6.20 11.49 21.49
N PHE A 301 -5.58 11.55 20.33
CA PHE A 301 -4.18 11.96 20.28
C PHE A 301 -4.02 13.43 20.65
N ASN A 302 -5.08 14.22 20.45
CA ASN A 302 -5.15 15.65 20.83
C ASN A 302 -4.31 16.57 19.95
N GLY A 303 -3.10 16.12 19.55
CA GLY A 303 -2.23 16.95 18.71
C GLY A 303 -2.57 16.85 17.24
N PRO A 304 -1.83 17.59 16.41
CA PRO A 304 -2.04 17.49 14.95
C PRO A 304 -1.65 16.14 14.40
N ILE A 305 -2.24 15.84 13.26
CA ILE A 305 -1.94 14.61 12.52
C ILE A 305 -1.51 14.96 11.09
N VAL A 306 -0.46 14.32 10.61
CA VAL A 306 0.03 14.48 9.23
C VAL A 306 -0.15 13.14 8.52
N MET A 307 -1.00 13.14 7.48
CA MET A 307 -1.29 11.95 6.71
C MET A 307 -0.50 11.97 5.41
N THR A 308 0.52 11.09 5.32
CA THR A 308 1.49 11.12 4.23
C THR A 308 1.02 10.33 3.01
N THR A 309 0.14 9.34 3.19
CA THR A 309 -0.34 8.43 2.15
C THR A 309 -1.67 7.89 2.63
N ASN A 310 -2.20 6.88 1.94
CA ASN A 310 -3.31 6.16 2.57
C ASN A 310 -2.75 5.42 3.81
N CYS A 311 -3.64 4.92 4.70
CA CYS A 311 -5.10 5.10 4.64
C CYS A 311 -5.61 6.28 5.48
N LEU A 312 -6.30 7.17 4.79
CA LEU A 312 -7.06 8.26 5.40
C LEU A 312 -8.54 7.91 5.35
N VAL A 313 -9.21 7.95 6.49
N VAL A 313 -9.20 8.02 6.50
CA VAL A 313 -10.67 7.85 6.45
CA VAL A 313 -10.66 7.88 6.64
C VAL A 313 -11.29 9.23 6.62
C VAL A 313 -11.28 9.27 6.63
N PRO A 314 -12.46 9.50 6.05
CA PRO A 314 -13.07 10.83 6.17
C PRO A 314 -13.11 11.25 7.64
N PRO A 315 -12.49 12.39 7.99
CA PRO A 315 -12.20 12.67 9.39
C PRO A 315 -13.43 13.07 10.20
N ALA A 316 -13.40 12.73 11.47
CA ALA A 316 -14.40 13.21 12.41
C ALA A 316 -14.26 14.71 12.59
N GLU A 317 -15.40 15.36 12.88
CA GLU A 317 -15.38 16.81 13.08
C GLU A 317 -14.44 17.21 14.19
N SER A 318 -14.27 16.36 15.20
CA SER A 318 -13.51 16.75 16.38
C SER A 318 -12.02 17.02 16.08
N TYR A 319 -11.45 16.40 15.05
CA TYR A 319 -10.05 16.68 14.73
C TYR A 319 -9.85 17.23 13.33
N LYS A 320 -10.92 17.57 12.63
CA LYS A 320 -10.80 18.09 11.25
C LYS A 320 -9.90 19.33 11.21
N ASP A 321 -9.90 20.14 12.28
CA ASP A 321 -9.10 21.36 12.28
C ASP A 321 -7.59 21.11 12.50
N ARG A 322 -7.16 19.87 12.69
CA ARG A 322 -5.75 19.62 13.00
C ARG A 322 -5.20 18.39 12.29
N ILE A 323 -5.84 17.92 11.23
CA ILE A 323 -5.27 16.86 10.40
C ILE A 323 -4.93 17.44 9.03
N TYR A 324 -3.68 17.24 8.60
CA TYR A 324 -3.14 17.83 7.38
C TYR A 324 -2.79 16.72 6.41
N THR A 325 -2.88 17.03 5.11
CA THR A 325 -2.51 16.07 4.10
C THR A 325 -1.19 16.48 3.44
N THR A 326 -0.57 15.51 2.76
CA THR A 326 0.63 15.78 1.97
C THR A 326 0.75 14.68 0.91
N GLY A 327 1.72 14.84 0.03
CA GLY A 327 1.82 13.86 -1.05
C GLY A 327 0.59 13.97 -1.95
N VAL A 328 0.06 12.81 -2.34
CA VAL A 328 -1.14 12.76 -3.18
C VAL A 328 -2.41 12.64 -2.35
N VAL A 329 -2.31 12.67 -1.02
CA VAL A 329 -3.49 12.55 -0.15
C VAL A 329 -4.34 13.78 -0.30
N GLY A 330 -5.67 13.61 -0.21
CA GLY A 330 -6.53 14.78 -0.19
C GLY A 330 -7.86 14.53 0.46
N PHE A 331 -8.39 15.59 1.09
CA PHE A 331 -9.77 15.57 1.57
C PHE A 331 -10.26 17.02 1.60
N PRO A 332 -11.49 17.29 1.14
CA PRO A 332 -11.96 18.69 1.10
C PRO A 332 -11.93 19.31 2.49
N GLY A 333 -11.31 20.48 2.59
CA GLY A 333 -11.26 21.20 3.83
C GLY A 333 -10.02 20.92 4.66
N LEU A 334 -9.18 19.95 4.28
CA LEU A 334 -7.94 19.70 4.98
C LEU A 334 -6.82 20.44 4.26
N LYS A 335 -6.03 21.19 5.03
CA LYS A 335 -4.92 21.91 4.44
C LYS A 335 -3.80 20.94 4.08
N ARG A 336 -3.07 21.27 3.02
N ARG A 336 -3.09 21.25 3.00
CA ARG A 336 -2.01 20.42 2.49
CA ARG A 336 -2.00 20.43 2.49
C ARG A 336 -0.65 21.03 2.84
C ARG A 336 -0.65 21.04 2.89
N ILE A 337 0.34 20.16 3.07
CA ILE A 337 1.74 20.56 3.19
C ILE A 337 2.38 20.29 1.81
N PRO A 338 2.57 21.32 0.98
CA PRO A 338 3.15 21.09 -0.35
C PRO A 338 4.67 21.03 -0.35
N GLU A 339 5.22 20.33 -1.34
CA GLU A 339 6.65 20.38 -1.60
C GLU A 339 7.00 21.72 -2.23
N ASP A 340 8.15 22.30 -1.82
CA ASP A 340 8.65 23.45 -2.57
C ASP A 340 9.41 22.96 -3.79
N GLU A 341 10.26 23.83 -4.37
CA GLU A 341 10.98 23.53 -5.60
C GLU A 341 11.97 22.37 -5.42
N ASN A 342 12.48 22.18 -4.20
CA ASN A 342 13.44 21.12 -3.92
C ASN A 342 12.80 19.87 -3.33
N GLY A 343 11.49 19.86 -3.18
CA GLY A 343 10.82 18.78 -2.47
C GLY A 343 10.82 18.93 -0.97
N ASN A 344 11.22 20.08 -0.45
CA ASN A 344 11.19 20.32 0.99
C ASN A 344 9.80 20.72 1.43
N LYS A 345 9.44 20.30 2.63
CA LYS A 345 8.14 20.59 3.19
C LYS A 345 8.29 21.35 4.50
N ASP A 346 7.38 22.30 4.74
CA ASP A 346 7.48 23.21 5.89
C ASP A 346 6.37 22.83 6.87
N PHE A 347 6.74 22.31 8.03
CA PHE A 347 5.78 21.90 9.06
C PHE A 347 5.55 22.97 10.12
N SER A 348 6.02 24.20 9.89
N SER A 348 6.00 24.21 9.89
CA SER A 348 6.02 25.23 10.92
CA SER A 348 6.03 25.20 10.96
C SER A 348 4.63 25.46 11.49
C SER A 348 4.65 25.54 11.48
N GLU A 349 3.62 25.54 10.64
CA GLU A 349 2.27 25.85 11.12
C GLU A 349 1.68 24.70 11.92
N VAL A 350 1.96 23.46 11.51
CA VAL A 350 1.56 22.28 12.28
C VAL A 350 2.21 22.31 13.65
N ILE A 351 3.50 22.67 13.69
CA ILE A 351 4.22 22.72 14.96
C ILE A 351 3.66 23.82 15.86
N GLU A 352 3.39 25.01 15.29
CA GLU A 352 2.85 26.07 16.13
C GLU A 352 1.48 25.68 16.66
N GLN A 353 0.67 25.01 15.84
CA GLN A 353 -0.61 24.49 16.34
C GLN A 353 -0.41 23.45 17.44
N ALA A 354 0.55 22.53 17.25
CA ALA A 354 0.77 21.48 18.24
C ALA A 354 1.10 22.07 19.61
N LYS A 355 1.85 23.19 19.65
CA LYS A 355 2.26 23.77 20.94
C LYS A 355 1.07 24.12 21.80
N LYS A 356 -0.09 24.39 21.18
CA LYS A 356 -1.31 24.77 21.88
C LYS A 356 -2.17 23.58 22.28
N CYS A 357 -1.80 22.37 21.89
CA CYS A 357 -2.65 21.21 22.12
C CYS A 357 -2.29 20.49 23.41
N ALA A 358 -3.27 19.75 23.94
CA ALA A 358 -2.99 18.89 25.09
C ALA A 358 -2.11 17.73 24.62
N PRO A 359 -1.37 17.10 25.54
CA PRO A 359 -0.63 15.88 25.18
C PRO A 359 -1.59 14.75 24.85
N PRO A 360 -1.10 13.69 24.25
CA PRO A 360 -2.00 12.59 23.83
C PRO A 360 -2.60 11.84 25.01
N LYS A 361 -3.83 11.39 24.85
CA LYS A 361 -4.43 10.50 25.83
C LYS A 361 -3.73 9.16 25.73
N GLN A 362 -3.34 8.60 26.87
CA GLN A 362 -2.73 7.28 26.88
C GLN A 362 -3.77 6.23 26.49
N LEU A 363 -3.45 5.42 25.49
CA LEU A 363 -4.34 4.32 25.11
C LEU A 363 -3.84 3.00 25.67
N GLU A 364 -2.55 2.87 25.90
CA GLU A 364 -1.97 1.64 26.41
C GLU A 364 -0.54 1.96 26.79
N THR A 365 0.13 0.99 27.43
CA THR A 365 1.53 1.14 27.77
C THR A 365 2.25 -0.14 27.36
N GLY A 366 3.58 -0.08 27.38
CA GLY A 366 4.36 -1.28 27.05
C GLY A 366 5.23 -1.04 25.83
N LYS A 367 5.79 -2.11 25.28
CA LYS A 367 6.72 -1.97 24.14
C LYS A 367 6.51 -3.14 23.17
N ILE A 368 6.71 -2.90 21.88
CA ILE A 368 6.69 -4.01 20.90
C ILE A 368 8.10 -4.05 20.31
N VAL A 369 8.52 -5.23 19.85
N VAL A 369 8.54 -5.23 19.86
CA VAL A 369 9.87 -5.35 19.26
CA VAL A 369 9.90 -5.37 19.26
C VAL A 369 9.70 -5.55 17.75
C VAL A 369 9.74 -5.59 17.76
N GLY A 370 10.56 -4.90 16.97
CA GLY A 370 10.50 -5.07 15.51
C GLY A 370 11.82 -4.72 14.87
N GLY A 371 11.84 -4.65 13.54
CA GLY A 371 13.04 -4.34 12.80
C GLY A 371 13.74 -5.54 12.17
N PHE A 372 13.01 -6.62 11.93
CA PHE A 372 13.57 -7.85 11.34
C PHE A 372 13.40 -7.80 9.83
N ALA A 373 13.98 -6.77 9.20
CA ALA A 373 14.10 -6.72 7.75
C ALA A 373 15.28 -7.59 7.30
N HIS A 374 15.60 -7.57 6.00
CA HIS A 374 16.47 -8.64 5.50
C HIS A 374 17.89 -8.55 6.05
N ASN A 375 18.45 -7.35 6.20
CA ASN A 375 19.82 -7.25 6.70
C ASN A 375 19.91 -7.78 8.15
N GLN A 376 18.95 -7.38 8.99
CA GLN A 376 18.93 -7.81 10.39
C GLN A 376 18.74 -9.32 10.50
N VAL A 377 17.82 -9.90 9.71
CA VAL A 377 17.61 -11.35 9.80
C VAL A 377 18.81 -12.11 9.25
N LEU A 378 19.43 -11.59 8.19
CA LEU A 378 20.64 -12.23 7.67
C LEU A 378 21.76 -12.25 8.72
N ALA A 379 21.84 -11.20 9.55
CA ALA A 379 22.80 -11.19 10.64
C ALA A 379 22.50 -12.23 11.72
N LEU A 380 21.26 -12.74 11.74
CA LEU A 380 20.84 -13.72 12.72
C LEU A 380 20.76 -15.10 12.09
N ALA A 381 21.36 -15.28 10.91
CA ALA A 381 21.11 -16.47 10.11
C ALA A 381 21.50 -17.74 10.85
N ASP A 382 22.64 -17.72 11.54
CA ASP A 382 23.11 -18.94 12.22
C ASP A 382 22.08 -19.39 13.26
N LYS A 383 21.55 -18.43 14.01
CA LYS A 383 20.57 -18.71 15.06
C LYS A 383 19.26 -19.20 14.46
N VAL A 384 18.81 -18.57 13.37
CA VAL A 384 17.57 -18.98 12.72
C VAL A 384 17.72 -20.39 12.16
N VAL A 385 18.82 -20.65 11.47
CA VAL A 385 19.05 -21.99 10.89
C VAL A 385 19.14 -23.06 11.98
N GLU A 386 19.82 -22.76 13.10
CA GLU A 386 19.92 -23.71 14.20
C GLU A 386 18.55 -24.04 14.77
N ALA A 387 17.68 -23.02 14.89
CA ALA A 387 16.35 -23.25 15.43
C ALA A 387 15.51 -24.09 14.48
N VAL A 388 15.69 -23.91 13.17
CA VAL A 388 14.98 -24.73 12.19
C VAL A 388 15.46 -26.18 12.25
N LYS A 389 16.78 -26.40 12.35
CA LYS A 389 17.34 -27.74 12.30
C LYS A 389 16.96 -28.54 13.54
N SER A 390 16.84 -27.87 14.69
CA SER A 390 16.46 -28.55 15.92
C SER A 390 14.95 -28.74 16.04
N GLY A 391 14.18 -28.07 15.20
CA GLY A 391 12.74 -28.12 15.37
C GLY A 391 12.21 -27.16 16.40
N ALA A 392 13.07 -26.36 17.03
CA ALA A 392 12.59 -25.28 17.87
C ALA A 392 11.66 -24.35 17.09
N ILE A 393 11.97 -24.10 15.81
CA ILE A 393 11.04 -23.44 14.90
C ILE A 393 10.65 -24.49 13.88
N ARG A 394 9.42 -24.98 14.00
N ARG A 394 9.41 -24.98 13.99
CA ARG A 394 8.93 -26.00 13.07
CA ARG A 394 8.91 -26.01 13.10
C ARG A 394 8.37 -25.38 11.80
C ARG A 394 8.27 -25.43 11.85
N LYS A 395 7.80 -24.19 11.90
CA LYS A 395 7.17 -23.56 10.76
C LYS A 395 7.12 -22.06 10.97
N PHE A 396 7.39 -21.32 9.90
CA PHE A 396 7.13 -19.89 9.80
C PHE A 396 5.77 -19.73 9.14
N VAL A 397 5.03 -18.69 9.54
CA VAL A 397 3.75 -18.35 8.92
C VAL A 397 3.80 -16.88 8.54
N VAL A 398 3.77 -16.59 7.25
CA VAL A 398 3.75 -15.21 6.78
C VAL A 398 2.30 -14.72 6.90
N MET A 399 2.08 -13.77 7.80
CA MET A 399 0.75 -13.19 8.01
C MET A 399 0.73 -11.72 7.62
N ALA A 400 1.68 -11.31 6.78
CA ALA A 400 1.82 -9.94 6.36
C ALA A 400 0.63 -9.52 5.50
N GLY A 401 0.57 -8.22 5.26
N GLY A 401 0.60 -8.24 5.22
CA GLY A 401 -0.45 -7.64 4.39
CA GLY A 401 -0.40 -7.68 4.34
C GLY A 401 -1.13 -6.45 5.04
C GLY A 401 -1.03 -6.48 5.01
N ASP A 403 -4.50 -4.70 7.12
N ASP A 403 -4.49 -4.66 6.79
CA ASP A 403 -5.66 -4.84 7.98
CA ASP A 403 -5.61 -4.78 7.70
C ASP A 403 -6.79 -4.04 7.31
C ASP A 403 -6.83 -3.99 7.21
N GLY A 404 -7.97 -4.13 7.91
CA GLY A 404 -9.18 -3.44 7.51
C GLY A 404 -10.24 -3.55 8.59
N ARG A 405 -11.40 -2.94 8.33
N ARG A 405 -11.41 -2.96 8.29
CA ARG A 405 -12.45 -2.84 9.38
CA ARG A 405 -12.48 -2.79 9.28
C ARG A 405 -13.29 -4.10 9.58
C ARG A 405 -13.31 -4.06 9.54
N HIS A 406 -13.34 -5.02 8.61
CA HIS A 406 -14.28 -6.13 8.72
C HIS A 406 -13.98 -6.96 9.97
N PRO A 407 -14.96 -7.18 10.84
CA PRO A 407 -14.72 -8.02 12.01
C PRO A 407 -14.35 -9.47 11.71
N SER A 408 -14.59 -9.96 10.49
CA SER A 408 -14.07 -11.28 10.13
C SER A 408 -12.58 -11.38 10.33
N ARG A 409 -11.88 -10.23 10.36
CA ARG A 409 -10.40 -10.21 10.52
C ARG A 409 -10.00 -10.68 11.92
N GLU A 410 -10.97 -10.88 12.82
CA GLU A 410 -10.68 -11.48 14.14
C GLU A 410 -10.02 -12.83 13.89
N TYR A 411 -10.33 -13.46 12.77
CA TYR A 411 -9.71 -14.75 12.38
C TYR A 411 -8.19 -14.64 12.55
N TYR A 412 -7.59 -13.52 12.16
CA TYR A 412 -6.13 -13.42 12.21
C TYR A 412 -5.61 -13.34 13.64
N THR A 413 -6.32 -12.64 14.51
CA THR A 413 -5.96 -12.62 15.93
C THR A 413 -6.10 -14.01 16.55
N GLU A 414 -7.22 -14.70 16.28
CA GLU A 414 -7.41 -16.02 16.86
C GLU A 414 -6.41 -17.03 16.29
N PHE A 415 -6.15 -16.95 14.98
CA PHE A 415 -5.15 -17.81 14.34
C PHE A 415 -3.79 -17.63 15.01
N ALA A 416 -3.39 -16.38 15.21
CA ALA A 416 -2.10 -16.09 15.84
C ALA A 416 -2.05 -16.67 17.24
N LYS A 417 -3.14 -16.52 18.01
CA LYS A 417 -3.16 -17.02 19.39
C LYS A 417 -3.16 -18.53 19.45
N LYS A 418 -3.74 -19.21 18.44
CA LYS A 418 -3.83 -20.67 18.43
C LYS A 418 -2.63 -21.35 17.78
N LEU A 419 -1.74 -20.62 17.13
CA LEU A 419 -0.54 -21.24 16.60
C LEU A 419 0.24 -21.91 17.74
N PRO A 420 0.84 -23.08 17.50
CA PRO A 420 1.65 -23.71 18.55
C PRO A 420 2.93 -22.92 18.81
N ASN A 421 3.51 -23.18 19.98
CA ASN A 421 4.62 -22.36 20.44
CA ASN A 421 4.63 -22.34 20.42
C ASN A 421 5.93 -22.65 19.71
N ASP A 422 5.93 -23.55 18.73
CA ASP A 422 7.09 -23.77 17.89
C ASP A 422 6.94 -23.16 16.50
N THR A 423 6.07 -22.16 16.34
CA THR A 423 5.96 -21.45 15.07
C THR A 423 6.27 -19.97 15.26
N VAL A 424 6.69 -19.35 14.18
CA VAL A 424 7.05 -17.94 14.17
C VAL A 424 6.24 -17.24 13.09
N ILE A 425 5.60 -16.11 13.44
CA ILE A 425 4.87 -15.31 12.49
C ILE A 425 5.85 -14.34 11.89
N LEU A 426 5.87 -14.25 10.55
CA LEU A 426 6.61 -13.23 9.83
C LEU A 426 5.57 -12.22 9.34
N THR A 427 5.83 -10.93 9.57
CA THR A 427 4.83 -9.93 9.19
C THR A 427 5.47 -8.66 8.63
N ALA A 428 4.61 -7.82 8.04
CA ALA A 428 4.96 -6.55 7.40
C ALA A 428 3.62 -6.00 6.93
N GLY A 429 3.45 -4.68 6.93
CA GLY A 429 2.15 -4.06 6.62
C GLY A 429 1.21 -4.05 7.83
N CYS A 430 0.13 -3.26 7.70
CA CYS A 430 -0.70 -3.06 8.91
C CYS A 430 -1.53 -4.29 9.30
N ALA A 431 -1.53 -5.37 8.52
CA ALA A 431 -2.12 -6.62 9.01
C ALA A 431 -1.52 -7.02 10.36
N LYS A 432 -0.26 -6.62 10.61
CA LYS A 432 0.41 -6.95 11.87
C LYS A 432 -0.39 -6.54 13.08
N TYR A 433 -1.24 -5.50 12.97
CA TYR A 433 -1.90 -5.03 14.20
C TYR A 433 -2.93 -5.99 14.78
N ARG A 434 -3.33 -7.03 14.05
CA ARG A 434 -4.19 -8.07 14.59
C ARG A 434 -3.47 -8.98 15.58
N TYR A 435 -2.14 -8.93 15.67
CA TYR A 435 -1.45 -9.91 16.51
C TYR A 435 -0.08 -9.44 17.02
N ASN A 436 0.29 -8.18 16.84
CA ASN A 436 1.62 -7.74 17.25
C ASN A 436 1.69 -7.23 18.70
N LYS A 437 0.57 -7.13 19.41
CA LYS A 437 0.58 -6.76 20.82
C LYS A 437 0.12 -7.89 21.75
N LEU A 438 0.24 -9.14 21.30
CA LEU A 438 -0.35 -10.29 22.05
C LEU A 438 0.58 -10.89 23.11
N GLY A 439 1.87 -10.55 23.11
CA GLY A 439 2.75 -11.17 24.08
C GLY A 439 2.97 -12.65 23.83
N LEU A 440 3.33 -12.99 22.59
CA LEU A 440 3.49 -14.39 22.24
C LEU A 440 4.87 -14.95 22.62
N GLY A 441 5.76 -14.12 23.13
CA GLY A 441 7.02 -14.62 23.64
C GLY A 441 8.06 -14.83 22.56
N ASP A 442 9.00 -15.73 22.85
CA ASP A 442 10.12 -15.95 21.95
C ASP A 442 10.50 -17.43 21.99
N ILE A 443 11.29 -17.83 21.00
CA ILE A 443 11.88 -19.16 20.92
C ILE A 443 13.39 -18.98 20.94
N GLY A 444 14.01 -19.30 22.07
CA GLY A 444 15.45 -19.10 22.24
C GLY A 444 15.88 -17.68 21.93
N GLY A 445 15.06 -16.70 22.28
CA GLY A 445 15.40 -15.31 22.04
C GLY A 445 14.90 -14.74 20.73
N ILE A 446 14.45 -15.59 19.79
CA ILE A 446 13.85 -15.12 18.54
C ILE A 446 12.38 -14.85 18.80
N PRO A 447 11.91 -13.61 18.70
CA PRO A 447 10.50 -13.33 18.96
C PRO A 447 9.59 -14.17 18.05
N ARG A 448 8.44 -14.56 18.59
CA ARG A 448 7.45 -15.33 17.84
C ARG A 448 6.67 -14.47 16.83
N VAL A 449 6.81 -13.15 16.85
CA VAL A 449 6.33 -12.27 15.78
C VAL A 449 7.53 -11.45 15.32
N LEU A 450 7.92 -11.62 14.05
CA LEU A 450 9.06 -10.91 13.47
C LEU A 450 8.52 -9.91 12.46
N ASP A 451 8.59 -8.62 12.82
CA ASP A 451 8.05 -7.54 12.00
C ASP A 451 9.17 -6.97 11.13
N ALA A 452 9.05 -7.18 9.81
CA ALA A 452 10.01 -6.66 8.85
C ALA A 452 9.74 -5.22 8.44
N GLY A 453 8.53 -4.70 8.69
CA GLY A 453 8.27 -3.29 8.42
C GLY A 453 6.94 -2.99 7.75
N GLN A 454 6.98 -2.11 6.74
CA GLN A 454 5.76 -1.69 6.03
C GLN A 454 5.37 -2.79 5.04
N CYS A 455 4.21 -2.64 4.42
CA CYS A 455 3.79 -3.64 3.42
C CYS A 455 4.88 -3.82 2.35
N ASN A 456 5.57 -2.73 1.96
CA ASN A 456 6.65 -2.86 0.98
C ASN A 456 7.78 -3.77 1.47
N ASP A 457 7.96 -3.87 2.79
CA ASP A 457 8.96 -4.74 3.39
C ASP A 457 8.57 -6.20 3.36
N CYS A 458 7.41 -6.54 2.76
CA CYS A 458 7.31 -7.90 2.24
C CYS A 458 8.46 -8.29 1.35
N TYR A 459 9.14 -7.34 0.74
CA TYR A 459 10.36 -7.64 0.00
C TYR A 459 11.38 -8.35 0.90
N SER A 460 11.57 -7.84 2.13
CA SER A 460 12.49 -8.47 3.06
C SER A 460 12.05 -9.89 3.37
N LEU A 461 10.74 -10.12 3.47
CA LEU A 461 10.28 -11.49 3.75
C LEU A 461 10.62 -12.43 2.60
N ALA A 462 10.51 -11.94 1.36
CA ALA A 462 10.92 -12.74 0.19
C ALA A 462 12.42 -13.00 0.18
N VAL A 463 13.23 -11.97 0.50
CA VAL A 463 14.68 -12.13 0.54
C VAL A 463 15.09 -13.13 1.60
N ILE A 464 14.46 -13.05 2.77
CA ILE A 464 14.75 -14.00 3.85
C ILE A 464 14.40 -15.42 3.41
N ALA A 465 13.21 -15.61 2.81
CA ALA A 465 12.86 -16.94 2.30
C ALA A 465 13.84 -17.42 1.25
N LEU A 466 14.24 -16.53 0.35
CA LEU A 466 15.16 -16.96 -0.74
C LEU A 466 16.54 -17.31 -0.14
N LYS A 467 16.94 -16.62 0.92
CA LYS A 467 18.23 -16.92 1.61
C LYS A 467 18.14 -18.30 2.28
N LEU A 468 17.03 -18.58 2.95
CA LEU A 468 16.85 -19.91 3.62
C LEU A 468 16.79 -20.99 2.55
N LYS A 469 16.13 -20.72 1.43
CA LYS A 469 16.12 -21.69 0.32
C LYS A 469 17.55 -22.04 -0.09
N GLU A 470 18.40 -21.02 -0.24
CA GLU A 470 19.82 -21.21 -0.57
C GLU A 470 20.57 -22.01 0.50
N VAL A 471 20.39 -21.64 1.77
CA VAL A 471 21.11 -22.29 2.88
C VAL A 471 20.78 -23.77 2.95
N PHE A 472 19.49 -24.11 2.81
CA PHE A 472 19.04 -25.50 2.89
C PHE A 472 19.10 -26.23 1.56
N GLU A 473 19.65 -25.59 0.53
CA GLU A 473 19.89 -26.23 -0.75
C GLU A 473 18.61 -26.78 -1.37
N LEU A 474 17.50 -26.08 -1.16
CA LEU A 474 16.25 -26.44 -1.80
C LEU A 474 16.19 -25.80 -3.19
N ASP A 475 15.58 -26.50 -4.14
CA ASP A 475 15.33 -25.89 -5.44
C ASP A 475 13.90 -25.38 -5.61
N ASP A 476 13.07 -25.44 -4.56
CA ASP A 476 11.73 -24.87 -4.60
C ASP A 476 11.49 -24.10 -3.32
N ILE A 477 11.19 -22.80 -3.44
CA ILE A 477 10.89 -21.95 -2.27
C ILE A 477 9.78 -22.55 -1.39
N ASN A 478 8.85 -23.30 -2.00
CA ASN A 478 7.74 -23.87 -1.25
C ASN A 478 8.16 -25.08 -0.43
N ASP A 479 9.38 -25.58 -0.62
CA ASP A 479 9.85 -26.65 0.23
C ASP A 479 10.35 -26.17 1.58
N LEU A 480 10.41 -24.86 1.79
CA LEU A 480 10.77 -24.35 3.12
C LEU A 480 9.61 -24.65 4.06
N PRO A 481 9.88 -24.69 5.39
CA PRO A 481 8.80 -24.87 6.38
C PRO A 481 8.13 -23.53 6.60
N ILE A 482 7.35 -23.11 5.59
CA ILE A 482 6.71 -21.80 5.56
CA ILE A 482 6.70 -21.81 5.59
C ILE A 482 5.28 -21.98 5.05
N ALA A 483 4.37 -21.20 5.59
CA ALA A 483 2.99 -21.14 5.13
C ALA A 483 2.66 -19.67 4.96
N PHE A 484 1.69 -19.38 4.09
CA PHE A 484 1.29 -18.00 3.81
C PHE A 484 -0.21 -17.84 4.10
N ASN A 485 -0.54 -16.94 5.03
CA ASN A 485 -1.93 -16.65 5.43
C ASN A 485 -2.00 -15.12 5.46
N VAL A 486 -2.16 -14.54 4.29
CA VAL A 486 -1.96 -13.12 3.99
CA VAL A 486 -1.96 -13.10 4.13
C VAL A 486 -3.30 -12.38 4.02
N ALA A 487 -3.34 -11.20 4.63
CA ALA A 487 -4.54 -10.36 4.59
C ALA A 487 -4.32 -9.25 3.59
N TRP A 488 -5.37 -8.87 2.84
CA TRP A 488 -5.22 -7.79 1.88
C TRP A 488 -6.31 -6.75 2.08
N TYR A 489 -6.05 -5.55 1.58
CA TYR A 489 -7.11 -4.51 1.65
C TYR A 489 -7.18 -3.70 0.35
N GLU A 490 -6.05 -3.12 -0.09
N GLU A 490 -6.05 -3.13 -0.10
CA GLU A 490 -6.11 -2.24 -1.28
CA GLU A 490 -6.14 -2.28 -1.32
C GLU A 490 -5.13 -2.68 -2.38
C GLU A 490 -5.13 -2.70 -2.39
N GLN A 491 -4.72 -1.76 -3.24
CA GLN A 491 -3.88 -2.13 -4.43
C GLN A 491 -2.40 -2.42 -4.14
N LYS A 492 -1.79 -1.75 -3.18
CA LYS A 492 -0.41 -2.19 -2.89
C LYS A 492 -0.39 -3.66 -2.49
N ALA A 493 -1.40 -4.13 -1.73
CA ALA A 493 -1.41 -5.56 -1.41
C ALA A 493 -1.55 -6.42 -2.67
N VAL A 494 -2.28 -5.95 -3.68
CA VAL A 494 -2.40 -6.70 -4.93
C VAL A 494 -1.04 -6.82 -5.59
N ALA A 495 -0.28 -5.73 -5.63
CA ALA A 495 1.07 -5.82 -6.19
C ALA A 495 1.93 -6.80 -5.40
N VAL A 496 1.83 -6.77 -4.05
CA VAL A 496 2.58 -7.73 -3.22
C VAL A 496 2.19 -9.17 -3.57
N LEU A 497 0.89 -9.45 -3.68
CA LEU A 497 0.42 -10.78 -4.07
C LEU A 497 1.04 -11.21 -5.41
N LEU A 498 0.98 -10.34 -6.39
CA LEU A 498 1.52 -10.69 -7.71
C LEU A 498 3.02 -10.95 -7.63
N ALA A 499 3.75 -10.17 -6.82
CA ALA A 499 5.17 -10.40 -6.62
C ALA A 499 5.41 -11.79 -6.06
N LEU A 500 4.61 -12.16 -5.07
CA LEU A 500 4.76 -13.51 -4.48
C LEU A 500 4.46 -14.60 -5.50
N LEU A 501 3.40 -14.45 -6.29
CA LEU A 501 3.11 -15.45 -7.33
C LEU A 501 4.25 -15.52 -8.35
N TYR A 502 4.76 -14.37 -8.79
CA TYR A 502 5.89 -14.37 -9.71
C TYR A 502 7.11 -15.07 -9.11
N LEU A 503 7.37 -14.87 -7.82
CA LEU A 503 8.50 -15.57 -7.19
C LEU A 503 8.25 -17.05 -7.00
N GLY A 504 7.09 -17.57 -7.36
CA GLY A 504 6.87 -19.00 -7.30
C GLY A 504 6.17 -19.49 -6.06
N VAL A 505 5.68 -18.60 -5.19
CA VAL A 505 4.99 -19.02 -3.97
C VAL A 505 3.65 -19.64 -4.34
N LYS A 506 3.41 -20.85 -3.88
CA LYS A 506 2.14 -21.54 -4.11
C LYS A 506 1.36 -21.68 -2.79
N ASP A 507 0.07 -21.98 -2.91
CA ASP A 507 -0.77 -22.32 -1.75
C ASP A 507 -0.99 -21.15 -0.79
N ILE A 508 -0.88 -19.91 -1.27
CA ILE A 508 -1.19 -18.75 -0.44
C ILE A 508 -2.66 -18.80 -0.01
N VAL A 509 -2.91 -18.65 1.29
CA VAL A 509 -4.27 -18.35 1.76
C VAL A 509 -4.44 -16.84 1.81
N LEU A 510 -5.49 -16.34 1.15
CA LEU A 510 -5.69 -14.90 0.97
C LEU A 510 -7.04 -14.54 1.56
N GLY A 511 -7.06 -13.51 2.41
CA GLY A 511 -8.32 -13.20 3.06
C GLY A 511 -8.40 -11.76 3.55
N PRO A 512 -9.50 -11.41 4.26
CA PRO A 512 -10.52 -12.34 4.76
C PRO A 512 -11.60 -12.73 3.73
N THR A 513 -11.52 -12.12 2.54
CA THR A 513 -12.32 -12.49 1.39
C THR A 513 -11.39 -12.45 0.16
N LEU A 514 -11.89 -13.05 -0.96
CA LEU A 514 -11.15 -12.95 -2.22
C LEU A 514 -11.68 -11.76 -3.02
N PRO A 515 -10.83 -11.09 -3.79
CA PRO A 515 -11.26 -9.85 -4.49
C PRO A 515 -12.47 -10.05 -5.39
N ALA A 516 -13.34 -9.03 -5.41
CA ALA A 516 -14.49 -9.00 -6.29
C ALA A 516 -14.08 -8.95 -7.75
N PHE A 517 -12.87 -8.47 -8.03
CA PHE A 517 -12.41 -8.30 -9.40
C PHE A 517 -11.85 -9.58 -10.01
N LEU A 518 -11.92 -10.70 -9.31
CA LEU A 518 -11.64 -12.00 -9.90
C LEU A 518 -12.95 -12.57 -10.42
N SER A 519 -13.05 -12.73 -11.73
CA SER A 519 -14.15 -13.46 -12.33
C SER A 519 -14.06 -14.94 -11.94
N PRO A 520 -15.16 -15.72 -12.03
CA PRO A 520 -15.08 -17.15 -11.74
C PRO A 520 -13.92 -17.86 -12.48
N ASN A 521 -13.76 -17.60 -13.78
CA ASN A 521 -12.72 -18.33 -14.52
C ASN A 521 -11.33 -17.90 -14.09
N VAL A 522 -11.15 -16.60 -13.80
CA VAL A 522 -9.83 -16.11 -13.34
C VAL A 522 -9.51 -16.69 -11.96
N ALA A 523 -10.49 -16.68 -11.05
CA ALA A 523 -10.29 -17.28 -9.73
C ALA A 523 -9.96 -18.77 -9.86
N LYS A 524 -10.59 -19.46 -10.82
CA LYS A 524 -10.33 -20.88 -11.03
C LYS A 524 -8.85 -21.12 -11.33
N VAL A 525 -8.25 -20.30 -12.19
CA VAL A 525 -6.82 -20.44 -12.46
C VAL A 525 -6.00 -20.20 -11.20
N LEU A 526 -6.32 -19.14 -10.45
CA LEU A 526 -5.56 -18.89 -9.22
C LEU A 526 -5.64 -20.08 -8.26
N VAL A 527 -6.82 -20.69 -8.14
CA VAL A 527 -6.97 -21.86 -7.26
C VAL A 527 -6.18 -23.05 -7.80
N GLU A 528 -6.39 -23.41 -9.07
CA GLU A 528 -5.86 -24.68 -9.58
C GLU A 528 -4.38 -24.61 -9.93
N LYS A 529 -3.91 -23.50 -10.49
CA LYS A 529 -2.51 -23.38 -10.87
C LYS A 529 -1.63 -22.80 -9.75
N PHE A 530 -2.15 -21.87 -8.95
CA PHE A 530 -1.34 -21.24 -7.92
C PHE A 530 -1.68 -21.69 -6.51
N GLY A 531 -2.70 -22.51 -6.33
CA GLY A 531 -3.08 -23.02 -5.02
C GLY A 531 -3.70 -21.98 -4.10
N ILE A 532 -4.11 -20.83 -4.63
CA ILE A 532 -4.77 -19.83 -3.79
C ILE A 532 -6.03 -20.44 -3.19
N SER A 533 -6.30 -20.10 -1.93
CA SER A 533 -7.55 -20.43 -1.26
C SER A 533 -7.93 -19.28 -0.37
N GLY A 534 -9.21 -19.23 0.02
CA GLY A 534 -9.65 -18.26 0.99
C GLY A 534 -9.59 -18.86 2.40
N ILE A 535 -9.81 -18.01 3.41
CA ILE A 535 -9.84 -18.52 4.77
C ILE A 535 -11.09 -19.35 4.98
N THR A 536 -11.02 -20.29 5.92
CA THR A 536 -12.22 -20.99 6.34
C THR A 536 -12.48 -20.66 7.81
N THR A 537 -12.21 -21.60 8.71
CA THR A 537 -12.21 -21.32 10.14
C THR A 537 -10.79 -21.46 10.68
N VAL A 538 -10.56 -20.90 11.87
CA VAL A 538 -9.20 -20.93 12.43
C VAL A 538 -8.72 -22.36 12.59
N ASP A 539 -9.55 -23.22 13.18
CA ASP A 539 -9.11 -24.58 13.44
C ASP A 539 -8.80 -25.35 12.15
N GLU A 540 -9.65 -25.21 11.12
CA GLU A 540 -9.39 -25.91 9.88
C GLU A 540 -8.13 -25.39 9.20
N ASP A 541 -7.90 -24.08 9.28
CA ASP A 541 -6.74 -23.51 8.59
C ASP A 541 -5.44 -23.79 9.36
N ILE A 542 -5.49 -23.73 10.69
CA ILE A 542 -4.35 -24.20 11.47
C ILE A 542 -4.02 -25.64 11.08
N GLU A 543 -5.04 -26.49 10.97
CA GLU A 543 -4.78 -27.89 10.64
C GLU A 543 -4.09 -28.01 9.28
N ARG A 544 -4.67 -27.37 8.23
CA ARG A 544 -4.12 -27.58 6.90
C ARG A 544 -2.80 -26.86 6.67
N LEU A 545 -2.60 -25.71 7.31
CA LEU A 545 -1.40 -24.91 7.06
C LEU A 545 -0.23 -25.27 7.96
N ILE A 546 -0.51 -25.79 9.16
CA ILE A 546 0.52 -25.98 10.17
C ILE A 546 0.78 -27.45 10.46
N ASN A 547 -0.26 -28.26 10.55
CA ASN A 547 -0.09 -29.62 11.03
C ASN A 547 -0.14 -30.67 9.93
N LYS A 548 -0.06 -30.23 8.66
CA LYS A 548 -0.20 -31.16 7.53
C LYS A 548 0.29 -30.44 6.27
#